data_1ZPL
#
_entry.id   1ZPL
#
_cell.length_a   42.805
_cell.length_b   42.805
_cell.length_c   288.244
_cell.angle_alpha   90
_cell.angle_beta   90
_cell.angle_gamma   120
#
_symmetry.space_group_name_H-M   'P 31 2 1'
#
loop_
_entity.id
_entity.type
_entity.pdbx_description
1 polymer F17a-G
2 non-polymer 'methyl 2-acetamido-2-deoxy-beta-D-glucopyranoside'
3 water water
#
_entity_poly.entity_id   1
_entity_poly.type   'polypeptide(L)'
_entity_poly.pdbx_seq_one_letter_code
;AVSFIGSTENDVGPSLGSYSRTHAMDNLPFVYDTRNKIGYQNANVWHISKGFCVGLDGKVDLPVVGSLDGQSIYGLTEEV
GLLIWMGDTKYSRGTAMSGNSWENVFSGWCVGANTASTQGLSVRVTPVILKRNSSARYSVQKTSIGSIRMRPYNGSSAGS
VQTTVNFSLNPFTLNDT
;
_entity_poly.pdbx_strand_id   A,B
#
# COMPACT_ATOMS: atom_id res chain seq x y z
N ALA A 1 19.94 13.51 2.96
CA ALA A 1 19.42 13.14 1.61
C ALA A 1 17.94 12.79 1.73
N VAL A 2 17.30 12.56 0.59
CA VAL A 2 15.89 12.20 0.58
C VAL A 2 15.56 11.34 -0.64
N SER A 3 14.66 10.39 -0.45
CA SER A 3 14.23 9.50 -1.52
C SER A 3 12.76 9.14 -1.33
N PHE A 4 12.05 8.92 -2.43
CA PHE A 4 10.64 8.56 -2.39
C PHE A 4 10.50 7.05 -2.26
N ILE A 5 9.86 6.60 -1.19
CA ILE A 5 9.67 5.16 -0.97
C ILE A 5 8.21 4.74 -0.85
N GLY A 6 7.29 5.62 -1.22
CA GLY A 6 5.88 5.27 -1.14
C GLY A 6 5.26 4.96 -2.48
N SER A 7 3.94 5.12 -2.58
CA SER A 7 3.22 4.88 -3.82
C SER A 7 2.65 6.19 -4.35
N THR A 8 2.66 6.34 -5.67
CA THR A 8 2.15 7.54 -6.30
C THR A 8 0.63 7.62 -6.20
N GLU A 9 -0.04 6.50 -6.41
CA GLU A 9 -1.50 6.44 -6.34
C GLU A 9 -1.89 5.68 -5.07
N ASN A 10 -2.85 6.22 -4.34
CA ASN A 10 -3.27 5.59 -3.08
C ASN A 10 -4.78 5.62 -2.90
N ASP A 11 -5.36 4.47 -2.58
CA ASP A 11 -6.79 4.37 -2.35
C ASP A 11 -7.12 4.62 -0.88
N VAL A 12 -8.20 5.36 -0.64
CA VAL A 12 -8.63 5.69 0.70
C VAL A 12 -9.86 4.87 1.11
N GLY A 13 -9.72 4.09 2.18
CA GLY A 13 -10.82 3.27 2.65
C GLY A 13 -10.86 1.95 1.91
N PRO A 14 -11.49 0.91 2.48
CA PRO A 14 -11.57 -0.39 1.82
C PRO A 14 -12.51 -0.36 0.62
N SER A 15 -12.21 -1.15 -0.40
CA SER A 15 -13.04 -1.19 -1.59
C SER A 15 -14.44 -1.70 -1.27
N LEU A 16 -15.44 -0.98 -1.77
CA LEU A 16 -16.85 -1.33 -1.55
C LEU A 16 -17.23 -1.46 -0.09
N GLY A 17 -16.61 -0.66 0.77
CA GLY A 17 -16.96 -0.72 2.18
C GLY A 17 -18.38 -0.23 2.38
N SER A 18 -19.04 -0.73 3.42
CA SER A 18 -20.41 -0.34 3.74
C SER A 18 -20.44 0.28 5.13
N TYR A 19 -21.13 1.40 5.26
CA TYR A 19 -21.20 2.11 6.54
C TYR A 19 -22.63 2.45 6.93
N SER A 20 -22.92 2.27 8.22
CA SER A 20 -24.24 2.59 8.76
C SER A 20 -24.06 3.73 9.74
N ARG A 21 -25.14 4.42 10.08
CA ARG A 21 -25.03 5.54 11.01
C ARG A 21 -25.15 5.16 12.48
N ASN A 27 -30.86 15.22 11.58
CA ASN A 27 -31.14 16.10 10.46
C ASN A 27 -29.89 16.43 9.62
N LEU A 28 -30.09 17.11 8.49
CA LEU A 28 -29.01 17.44 7.56
C LEU A 28 -28.30 18.76 7.86
N PRO A 29 -26.98 18.81 7.61
CA PRO A 29 -26.18 17.69 7.08
C PRO A 29 -25.89 16.67 8.15
N PHE A 30 -25.94 15.40 7.77
CA PHE A 30 -25.69 14.32 8.71
C PHE A 30 -24.27 13.75 8.52
N VAL A 31 -23.47 13.79 9.58
CA VAL A 31 -22.10 13.29 9.53
C VAL A 31 -21.98 11.89 10.10
N TYR A 32 -21.30 11.01 9.37
CA TYR A 32 -21.08 9.63 9.80
C TYR A 32 -19.83 9.56 10.66
N THR A 34 -17.24 7.63 10.92
CA THR A 34 -16.61 6.45 10.35
C THR A 34 -15.18 6.23 10.84
N ARG A 35 -14.77 7.02 11.84
CA ARG A 35 -13.44 6.92 12.44
C ARG A 35 -12.32 7.07 11.41
N ASN A 36 -11.38 6.13 11.44
CA ASN A 36 -10.27 6.15 10.49
C ASN A 36 -10.48 5.05 9.46
N LYS A 37 -11.67 4.46 9.46
CA LYS A 37 -11.99 3.41 8.51
C LYS A 37 -11.76 3.89 7.08
N ILE A 38 -12.31 5.05 6.74
CA ILE A 38 -12.13 5.59 5.41
C ILE A 38 -10.92 6.50 5.40
N GLY A 39 -9.74 5.88 5.34
CA GLY A 39 -8.53 6.66 5.33
C GLY A 39 -7.36 5.88 4.76
N TYR A 40 -6.22 6.56 4.64
CA TYR A 40 -5.00 5.96 4.17
C TYR A 40 -3.92 6.47 5.11
N GLN A 41 -3.05 5.56 5.53
CA GLN A 41 -1.97 5.91 6.44
C GLN A 41 -0.71 5.16 6.00
N ASN A 42 0.42 5.86 6.02
CA ASN A 42 1.69 5.27 5.65
C ASN A 42 2.80 6.07 6.33
N ALA A 43 3.48 5.44 7.28
CA ALA A 43 4.55 6.11 8.01
C ALA A 43 5.84 6.26 7.22
N ASN A 44 5.94 5.55 6.10
CA ASN A 44 7.17 5.61 5.30
C ASN A 44 6.95 5.96 3.84
N VAL A 45 6.81 7.25 3.54
CA VAL A 45 6.59 7.70 2.17
C VAL A 45 7.88 8.27 1.58
N TRP A 46 8.68 8.92 2.42
CA TRP A 46 9.96 9.47 1.98
C TRP A 46 11.00 9.05 2.99
N HIS A 47 12.19 8.70 2.51
CA HIS A 47 13.26 8.34 3.41
C HIS A 47 14.13 9.59 3.51
N ILE A 48 14.39 10.04 4.74
CA ILE A 48 15.19 11.24 4.93
C ILE A 48 16.34 10.98 5.88
N SER A 49 17.40 11.77 5.74
CA SER A 49 18.56 11.61 6.59
C SER A 49 19.48 12.81 6.58
N LYS A 50 20.43 12.80 7.51
CA LYS A 50 21.43 13.83 7.64
C LYS A 50 20.97 15.29 7.63
N GLY A 51 20.18 15.65 8.64
CA GLY A 51 19.71 17.02 8.76
C GLY A 51 18.61 17.48 7.84
N PHE A 52 18.03 16.57 7.06
CA PHE A 52 16.95 16.96 6.16
C PHE A 52 15.74 17.42 6.96
N CYS A 53 15.18 18.55 6.57
CA CYS A 53 13.99 19.09 7.24
C CYS A 53 12.84 19.03 6.24
N VAL A 54 11.69 18.51 6.67
CA VAL A 54 10.56 18.37 5.78
C VAL A 54 9.20 18.43 6.48
N GLY A 55 8.23 19.04 5.81
CA GLY A 55 6.88 19.14 6.32
C GLY A 55 5.97 18.62 5.22
N LEU A 56 4.67 18.92 5.30
CA LEU A 56 3.73 18.46 4.27
C LEU A 56 2.68 19.51 3.90
N ASP A 57 2.33 19.54 2.63
CA ASP A 57 1.27 20.40 2.13
C ASP A 57 0.21 19.45 1.59
N GLY A 58 -1.06 19.83 1.69
CA GLY A 58 -2.12 18.99 1.19
C GLY A 58 -3.08 19.81 0.35
N LYS A 59 -3.69 19.17 -0.65
CA LYS A 59 -4.64 19.84 -1.53
C LYS A 59 -5.83 18.96 -1.87
N VAL A 60 -7.03 19.51 -1.75
CA VAL A 60 -8.23 18.78 -2.08
C VAL A 60 -8.78 19.35 -3.38
N ASP A 61 -9.05 18.47 -4.35
CA ASP A 61 -9.55 18.92 -5.64
C ASP A 61 -11.06 18.84 -5.78
N LEU A 62 -11.73 18.22 -4.81
CA LEU A 62 -13.17 18.11 -4.86
C LEU A 62 -13.81 19.48 -4.72
N PRO A 63 -14.98 19.68 -5.32
CA PRO A 63 -15.62 21.00 -5.20
C PRO A 63 -16.11 21.24 -3.78
N VAL A 64 -16.05 22.49 -3.34
CA VAL A 64 -16.53 22.81 -2.01
C VAL A 64 -18.02 23.13 -2.09
N VAL A 65 -18.82 22.47 -1.25
CA VAL A 65 -20.26 22.66 -1.29
C VAL A 65 -20.87 23.11 0.02
N GLY A 66 -20.04 23.48 0.98
CA GLY A 66 -20.56 23.93 2.28
C GLY A 66 -19.48 23.80 3.34
N SER A 67 -19.80 24.17 4.58
CA SER A 67 -18.83 24.07 5.65
C SER A 67 -19.47 23.62 6.94
N LEU A 68 -18.63 23.18 7.86
CA LEU A 68 -19.06 22.72 9.17
C LEU A 68 -17.94 22.97 10.16
N ASP A 69 -18.24 23.82 11.15
CA ASP A 69 -17.28 24.17 12.20
C ASP A 69 -15.91 24.61 11.74
N GLY A 70 -15.83 25.35 10.66
CA GLY A 70 -14.55 25.84 10.19
C GLY A 70 -13.85 25.07 9.08
N GLN A 71 -14.41 23.92 8.68
CA GLN A 71 -13.79 23.16 7.60
C GLN A 71 -14.78 22.91 6.47
N SER A 72 -14.26 22.83 5.26
CA SER A 72 -15.11 22.61 4.09
C SER A 72 -15.76 21.25 4.04
N ILE A 73 -16.93 21.22 3.40
CA ILE A 73 -17.66 19.98 3.16
C ILE A 73 -17.43 19.84 1.66
N TYR A 74 -16.78 18.75 1.25
CA TYR A 74 -16.49 18.54 -0.15
C TYR A 74 -17.54 17.63 -0.80
N GLY A 75 -17.99 18.01 -1.99
CA GLY A 75 -19.02 17.23 -2.66
C GLY A 75 -18.56 16.06 -3.50
N LEU A 76 -19.38 15.00 -3.49
CA LEU A 76 -19.13 13.79 -4.26
C LEU A 76 -20.29 13.64 -5.23
N THR A 77 -21.50 13.70 -4.68
CA THR A 77 -22.75 13.62 -5.44
C THR A 77 -23.62 14.67 -4.76
N GLU A 78 -24.74 15.04 -5.37
CA GLU A 78 -25.57 16.04 -4.73
C GLU A 78 -26.17 15.50 -3.43
N GLU A 79 -25.97 14.21 -3.16
CA GLU A 79 -26.50 13.62 -1.95
C GLU A 79 -25.43 13.35 -0.89
N VAL A 80 -24.20 13.06 -1.32
CA VAL A 80 -23.11 12.74 -0.40
C VAL A 80 -21.93 13.70 -0.46
N GLY A 81 -21.43 14.08 0.71
CA GLY A 81 -20.29 14.97 0.80
C GLY A 81 -19.23 14.36 1.70
N LEU A 82 -18.15 15.10 1.94
CA LEU A 82 -17.08 14.62 2.80
C LEU A 82 -16.40 15.70 3.64
N LEU A 83 -15.94 15.29 4.82
CA LEU A 83 -15.16 16.15 5.70
C LEU A 83 -13.81 15.50 5.49
N ILE A 84 -12.76 16.28 5.27
CA ILE A 84 -11.45 15.68 5.01
C ILE A 84 -10.31 16.23 5.86
N TRP A 85 -9.39 15.34 6.22
CA TRP A 85 -8.22 15.66 7.02
C TRP A 85 -6.97 15.11 6.35
N MET A 86 -5.90 15.90 6.31
CA MET A 86 -4.62 15.48 5.74
C MET A 86 -3.52 15.92 6.71
N GLY A 87 -2.46 15.14 6.81
CA GLY A 87 -1.40 15.53 7.72
C GLY A 87 -0.33 14.47 7.92
N ASP A 88 0.36 14.56 9.06
CA ASP A 88 1.40 13.62 9.40
C ASP A 88 0.82 12.23 9.61
N THR A 89 1.72 11.24 9.69
CA THR A 89 1.33 9.84 9.84
C THR A 89 0.16 9.52 10.77
N LYS A 90 0.29 9.82 12.05
CA LYS A 90 -0.77 9.53 13.02
C LYS A 90 -2.04 10.32 12.76
N TYR A 91 -3.17 9.61 12.67
CA TYR A 91 -4.45 10.24 12.38
C TYR A 91 -4.83 11.45 13.24
N SER A 92 -4.58 11.37 14.54
CA SER A 92 -4.93 12.47 15.44
C SER A 92 -4.22 13.78 15.07
N ARG A 93 -3.24 13.70 14.18
CA ARG A 93 -2.53 14.92 13.79
C ARG A 93 -2.99 15.48 12.46
N GLY A 94 -4.09 14.95 11.96
CA GLY A 94 -4.62 15.42 10.70
C GLY A 94 -5.07 16.85 10.78
N THR A 95 -4.96 17.54 9.65
CA THR A 95 -5.36 18.95 9.56
C THR A 95 -6.65 19.00 8.78
N ALA A 96 -7.68 19.61 9.37
CA ALA A 96 -8.97 19.72 8.71
C ALA A 96 -8.79 20.57 7.45
N MET A 97 -9.26 20.06 6.32
CA MET A 97 -9.09 20.77 5.06
C MET A 97 -10.24 21.70 4.64
N SER A 98 -9.86 22.84 4.08
CA SER A 98 -10.81 23.82 3.55
C SER A 98 -10.24 24.33 2.23
N GLY A 99 -11.11 24.70 1.29
CA GLY A 99 -10.64 25.23 0.03
C GLY A 99 -9.99 24.23 -0.91
N ASN A 100 -9.49 24.71 -2.04
CA ASN A 100 -8.84 23.86 -3.04
C ASN A 100 -7.39 24.22 -3.31
N SER A 101 -6.78 24.99 -2.42
CA SER A 101 -5.38 25.38 -2.59
C SER A 101 -4.48 24.50 -1.74
N TRP A 102 -3.18 24.57 -1.99
CA TRP A 102 -2.22 23.81 -1.21
C TRP A 102 -2.20 24.42 0.18
N GLU A 103 -2.36 23.59 1.20
CA GLU A 103 -2.36 24.08 2.57
C GLU A 103 -1.33 23.30 3.39
N ASN A 104 -0.70 23.99 4.35
CA ASN A 104 0.29 23.39 5.23
C ASN A 104 -0.45 22.45 6.16
N VAL A 105 -0.21 21.14 6.03
CA VAL A 105 -0.91 20.18 6.88
C VAL A 105 -0.04 19.51 7.93
N PHE A 106 1.23 19.89 7.96
CA PHE A 106 2.19 19.37 8.94
C PHE A 106 3.38 20.32 8.94
N SER A 107 3.51 21.09 10.02
CA SER A 107 4.59 22.07 10.17
C SER A 107 5.97 21.48 9.88
N GLY A 108 6.14 20.19 10.13
CA GLY A 108 7.41 19.55 9.83
C GLY A 108 8.38 19.28 10.95
N TRP A 109 9.47 18.59 10.60
CA TRP A 109 10.52 18.25 11.55
C TRP A 109 11.81 18.00 10.78
N CYS A 110 12.92 17.93 11.52
CA CYS A 110 14.21 17.68 10.91
C CYS A 110 14.82 16.42 11.50
N VAL A 111 15.31 15.54 10.63
CA VAL A 111 15.93 14.31 11.08
C VAL A 111 17.35 14.64 11.55
N GLY A 112 17.91 13.79 12.40
CA GLY A 112 19.24 14.03 12.94
C GLY A 112 20.33 14.21 11.91
N ALA A 113 21.36 14.97 12.28
CA ALA A 113 22.49 15.25 11.40
C ALA A 113 23.21 13.96 11.00
N ASN A 114 23.16 12.96 11.86
CA ASN A 114 23.83 11.69 11.57
C ASN A 114 22.92 10.47 11.65
N THR A 115 21.64 10.67 11.39
CA THR A 115 20.71 9.55 11.44
C THR A 115 19.77 9.53 10.25
N ALA A 116 19.06 8.41 10.10
CA ALA A 116 18.12 8.24 9.01
C ALA A 116 16.75 7.86 9.58
N SER A 117 15.70 8.34 8.93
CA SER A 117 14.35 8.04 9.36
C SER A 117 13.44 8.18 8.15
N THR A 118 12.15 8.38 8.40
CA THR A 118 11.21 8.51 7.31
C THR A 118 10.17 9.58 7.61
N GLN A 119 9.46 9.99 6.57
CA GLN A 119 8.40 10.99 6.67
C GLN A 119 7.17 10.30 6.10
N GLY A 120 6.09 10.29 6.87
CA GLY A 120 4.87 9.65 6.41
C GLY A 120 3.74 10.64 6.26
N LEU A 121 2.53 10.12 6.14
CA LEU A 121 1.36 10.96 5.98
C LEU A 121 0.09 10.16 6.24
N SER A 122 -1.04 10.86 6.27
CA SER A 122 -2.32 10.20 6.46
C SER A 122 -3.42 11.07 5.88
N VAL A 123 -4.46 10.40 5.39
CA VAL A 123 -5.62 11.07 4.81
C VAL A 123 -6.81 10.38 5.44
N ARG A 124 -7.79 11.16 5.87
CA ARG A 124 -8.96 10.59 6.52
C ARG A 124 -10.19 11.39 6.11
N VAL A 125 -11.30 10.71 5.90
CA VAL A 125 -12.53 11.40 5.52
C VAL A 125 -13.71 10.77 6.25
N THR A 126 -14.76 11.54 6.40
CA THR A 126 -15.97 11.06 7.05
C THR A 126 -17.13 11.48 6.15
N PRO A 127 -17.96 10.50 5.74
CA PRO A 127 -19.10 10.77 4.87
C PRO A 127 -20.13 11.70 5.49
N VAL A 128 -20.76 12.52 4.66
CA VAL A 128 -21.78 13.46 5.10
C VAL A 128 -22.98 13.37 4.18
N ILE A 129 -24.17 13.20 4.74
CA ILE A 129 -25.38 13.15 3.92
C ILE A 129 -25.88 14.57 3.73
N LEU A 130 -25.80 15.05 2.49
CA LEU A 130 -26.23 16.40 2.13
C LEU A 130 -27.73 16.46 1.90
N LYS A 131 -28.21 15.51 1.09
CA LYS A 131 -29.63 15.37 0.73
C LYS A 131 -29.92 13.87 0.86
N ARG A 132 -31.19 13.49 0.98
CA ARG A 132 -31.55 12.08 1.08
C ARG A 132 -32.46 11.66 -0.07
N ASN A 133 -32.63 10.35 -0.25
CA ASN A 133 -33.48 9.82 -1.31
C ASN A 133 -34.69 9.10 -0.71
N ALA A 136 -32.92 4.38 -0.38
CA ALA A 136 -32.58 4.25 1.03
C ALA A 136 -31.06 4.31 1.26
N ARG A 137 -30.31 3.73 0.33
CA ARG A 137 -28.87 3.71 0.42
C ARG A 137 -28.25 4.77 -0.47
N TYR A 138 -26.97 5.04 -0.26
CA TYR A 138 -26.25 6.03 -1.05
C TYR A 138 -24.93 5.38 -1.47
N SER A 139 -24.69 5.34 -2.77
CA SER A 139 -23.47 4.74 -3.27
C SER A 139 -22.55 5.81 -3.84
N VAL A 140 -21.25 5.57 -3.74
CA VAL A 140 -20.25 6.50 -4.26
C VAL A 140 -19.22 5.70 -5.04
N GLN A 141 -18.91 6.17 -6.25
CA GLN A 141 -17.94 5.52 -7.10
C GLN A 141 -16.54 6.03 -6.80
N LYS A 142 -15.56 5.28 -7.27
CA LYS A 142 -14.15 5.65 -7.08
C LYS A 142 -13.99 7.09 -7.54
N THR A 143 -13.45 7.94 -6.67
CA THR A 143 -13.29 9.35 -7.00
C THR A 143 -11.95 9.93 -6.54
N SER A 144 -11.40 10.83 -7.35
CA SER A 144 -10.14 11.47 -7.03
C SER A 144 -10.37 12.46 -5.89
N ILE A 145 -9.53 12.40 -4.86
CA ILE A 145 -9.68 13.29 -3.71
C ILE A 145 -8.75 14.50 -3.80
N GLY A 146 -7.46 14.22 -3.90
CA GLY A 146 -6.50 15.29 -3.98
C GLY A 146 -5.09 14.75 -3.86
N SER A 147 -4.19 15.54 -3.30
CA SER A 147 -2.81 15.14 -3.15
C SER A 147 -2.11 15.71 -1.93
N ILE A 148 -0.91 15.22 -1.69
CA ILE A 148 -0.08 15.68 -0.59
C ILE A 148 1.35 15.73 -1.14
N ARG A 149 2.08 16.78 -0.81
CA ARG A 149 3.45 16.91 -1.27
C ARG A 149 4.36 17.24 -0.10
N MET A 150 5.56 16.68 -0.12
CA MET A 150 6.51 16.96 0.94
C MET A 150 6.94 18.41 0.75
N ARG A 151 7.24 19.09 1.85
CA ARG A 151 7.68 20.47 1.79
C ARG A 151 9.00 20.62 2.55
N PRO A 152 10.13 20.54 1.83
CA PRO A 152 11.43 20.67 2.49
C PRO A 152 11.60 22.08 3.00
N TYR A 153 12.40 22.27 4.03
CA TYR A 153 12.64 23.61 4.53
C TYR A 153 14.03 23.73 5.13
N ASN A 154 14.33 24.89 5.69
CA ASN A 154 15.64 25.13 6.29
C ASN A 154 16.78 24.93 5.29
N GLY A 155 16.49 25.13 4.01
CA GLY A 155 17.51 24.97 3.01
C GLY A 155 17.59 23.60 2.37
N SER A 156 16.84 22.64 2.91
CA SER A 156 16.85 21.30 2.34
C SER A 156 16.26 21.39 0.94
N SER A 157 16.65 20.45 0.08
CA SER A 157 16.17 20.45 -1.30
C SER A 157 15.69 19.08 -1.73
N ALA A 158 14.57 19.06 -2.45
CA ALA A 158 14.00 17.82 -2.94
C ALA A 158 14.74 17.32 -4.18
N GLY A 159 15.62 18.15 -4.73
CA GLY A 159 16.35 17.74 -5.92
C GLY A 159 15.35 17.28 -6.96
N SER A 160 15.56 16.09 -7.53
CA SER A 160 14.64 15.58 -8.54
C SER A 160 13.77 14.46 -7.97
N VAL A 161 13.74 14.35 -6.64
CA VAL A 161 12.95 13.31 -5.98
C VAL A 161 11.46 13.63 -6.10
N GLN A 162 10.64 12.59 -6.25
CA GLN A 162 9.20 12.77 -6.34
C GLN A 162 8.67 13.41 -5.05
N THR A 163 7.96 14.52 -5.18
CA THR A 163 7.43 15.22 -4.03
C THR A 163 5.96 15.00 -3.74
N THR A 164 5.21 14.56 -4.75
CA THR A 164 3.77 14.42 -4.60
C THR A 164 3.18 13.02 -4.79
N VAL A 165 2.16 12.72 -3.98
CA VAL A 165 1.44 11.45 -4.08
C VAL A 165 -0.03 11.83 -4.15
N ASN A 166 -0.82 11.00 -4.84
CA ASN A 166 -2.24 11.28 -5.02
C ASN A 166 -3.13 10.31 -4.25
N PHE A 167 -4.37 10.73 -4.02
CA PHE A 167 -5.31 9.91 -3.29
C PHE A 167 -6.66 9.79 -4.00
N SER A 168 -7.20 8.57 -4.00
CA SER A 168 -8.49 8.30 -4.60
C SER A 168 -9.37 7.64 -3.54
N LEU A 169 -10.63 8.05 -3.50
CA LEU A 169 -11.59 7.51 -2.55
C LEU A 169 -12.16 6.22 -3.15
N ASN A 170 -11.96 5.09 -2.49
CA ASN A 170 -12.50 3.84 -2.99
C ASN A 170 -14.02 3.89 -2.90
N PRO A 171 -14.72 3.17 -3.78
CA PRO A 171 -16.19 3.18 -3.72
C PRO A 171 -16.72 2.67 -2.39
N PHE A 172 -17.83 3.25 -1.94
CA PHE A 172 -18.44 2.82 -0.68
C PHE A 172 -19.94 3.03 -0.70
N THR A 173 -20.62 2.46 0.28
CA THR A 173 -22.06 2.58 0.37
C THR A 173 -22.46 3.04 1.77
N LEU A 174 -23.42 3.96 1.83
CA LEU A 174 -23.89 4.46 3.10
C LEU A 174 -25.31 3.95 3.27
N ASN A 175 -25.59 3.35 4.43
CA ASN A 175 -26.91 2.83 4.73
C ASN A 175 -27.53 3.77 5.76
N ASP A 176 -28.80 4.11 5.60
CA ASP A 176 -29.45 5.03 6.54
C ASP A 176 -29.65 4.36 7.90
N ALA B 1 23.84 -0.83 9.85
CA ALA B 1 22.58 -0.88 10.65
C ALA B 1 21.43 -1.30 9.73
N VAL B 2 20.27 -1.51 10.32
CA VAL B 2 19.09 -1.90 9.55
C VAL B 2 17.82 -1.42 10.23
N SER B 3 16.84 -1.03 9.42
CA SER B 3 15.56 -0.55 9.94
C SER B 3 14.45 -0.95 8.97
N PHE B 4 13.26 -1.19 9.50
CA PHE B 4 12.11 -1.59 8.67
C PHE B 4 11.38 -0.34 8.18
N ILE B 5 11.29 -0.19 6.86
CA ILE B 5 10.63 0.98 6.29
C ILE B 5 9.47 0.63 5.35
N GLY B 6 8.99 -0.60 5.43
CA GLY B 6 7.88 -1.00 4.57
C GLY B 6 6.58 -1.15 5.33
N SER B 7 5.66 -1.95 4.78
CA SER B 7 4.36 -2.19 5.41
C SER B 7 4.28 -3.65 5.85
N THR B 8 3.65 -3.89 7.00
CA THR B 8 3.51 -5.24 7.52
C THR B 8 2.52 -6.04 6.69
N GLU B 9 1.41 -5.42 6.31
CA GLU B 9 0.38 -6.09 5.51
C GLU B 9 0.44 -5.53 4.10
N ASN B 10 0.38 -6.41 3.09
CA ASN B 10 0.46 -5.97 1.70
C ASN B 10 -0.49 -6.73 0.79
N ASP B 11 -1.26 -5.99 0.00
CA ASP B 11 -2.20 -6.59 -0.93
C ASP B 11 -1.54 -6.84 -2.27
N VAL B 12 -1.83 -7.99 -2.86
CA VAL B 12 -1.27 -8.40 -4.15
C VAL B 12 -2.30 -8.27 -5.26
N GLY B 13 -1.99 -7.45 -6.26
CA GLY B 13 -2.89 -7.25 -7.37
C GLY B 13 -3.93 -6.18 -7.04
N PRO B 14 -4.53 -5.55 -8.05
CA PRO B 14 -5.54 -4.52 -7.81
C PRO B 14 -6.83 -5.11 -7.26
N SER B 15 -7.53 -4.35 -6.42
CA SER B 15 -8.77 -4.83 -5.84
C SER B 15 -9.84 -5.05 -6.90
N LEU B 16 -10.48 -6.21 -6.83
CA LEU B 16 -11.52 -6.58 -7.79
C LEU B 16 -11.07 -6.54 -9.25
N GLY B 17 -9.81 -6.87 -9.49
CA GLY B 17 -9.32 -6.87 -10.86
C GLY B 17 -9.99 -7.99 -11.65
N SER B 18 -10.14 -7.79 -12.95
CA SER B 18 -10.75 -8.79 -13.82
C SER B 18 -9.75 -9.22 -14.88
N TYR B 19 -9.66 -10.52 -15.09
CA TYR B 19 -8.72 -11.07 -16.05
C TYR B 19 -9.36 -12.04 -17.02
N SER B 20 -8.97 -11.94 -18.29
CA SER B 20 -9.47 -12.82 -19.34
C SER B 20 -8.28 -13.64 -19.84
N ARG B 21 -8.55 -14.74 -20.52
CA ARG B 21 -7.50 -15.57 -21.02
C ARG B 21 -6.93 -15.19 -22.38
N ASN B 27 -6.90 -26.76 -22.41
CA ASN B 27 -7.30 -27.75 -21.42
C ASN B 27 -6.72 -27.51 -20.04
N LEU B 28 -7.17 -28.29 -19.05
CA LEU B 28 -6.72 -28.12 -17.67
C LEU B 28 -5.45 -28.88 -17.27
N PRO B 29 -4.62 -28.28 -16.39
CA PRO B 29 -4.84 -26.97 -15.77
C PRO B 29 -4.54 -25.84 -16.75
N PHE B 30 -5.35 -24.80 -16.72
CA PHE B 30 -5.16 -23.66 -17.60
C PHE B 30 -4.52 -22.48 -16.86
N VAL B 31 -3.37 -22.04 -17.34
CA VAL B 31 -2.64 -20.93 -16.73
C VAL B 31 -2.88 -19.61 -17.43
N TYR B 32 -3.22 -18.57 -16.65
CA TYR B 32 -3.45 -17.25 -17.19
C TYR B 32 -2.13 -16.49 -17.30
N THR B 34 -1.03 -13.51 -16.64
CA THR B 34 -1.43 -12.22 -16.08
C THR B 34 -0.25 -11.29 -15.84
N ARG B 35 0.93 -11.69 -16.31
CA ARG B 35 2.16 -10.91 -16.17
C ARG B 35 2.47 -10.56 -14.71
N ASN B 36 2.73 -9.27 -14.46
CA ASN B 36 3.02 -8.81 -13.12
C ASN B 36 1.82 -8.06 -12.56
N LYS B 37 0.70 -8.13 -13.28
CA LYS B 37 -0.52 -7.45 -12.85
C LYS B 37 -0.89 -7.88 -11.43
N ILE B 38 -0.95 -9.19 -11.19
CA ILE B 38 -1.29 -9.67 -9.86
C ILE B 38 -0.02 -9.86 -9.05
N GLY B 39 0.51 -8.76 -8.55
CA GLY B 39 1.72 -8.82 -7.77
C GLY B 39 1.90 -7.61 -6.89
N TYR B 40 2.95 -7.64 -6.07
CA TYR B 40 3.30 -6.55 -5.19
C TYR B 40 4.80 -6.38 -5.34
N GLN B 41 5.24 -5.13 -5.44
CA GLN B 41 6.65 -4.81 -5.60
C GLN B 41 6.98 -3.58 -4.76
N ASN B 42 8.10 -3.65 -4.05
CA ASN B 42 8.53 -2.52 -3.22
C ASN B 42 10.04 -2.62 -3.09
N ALA B 43 10.75 -1.67 -3.69
CA ALA B 43 12.21 -1.66 -3.65
C ALA B 43 12.77 -1.21 -2.30
N ASN B 44 11.93 -0.64 -1.44
CA ASN B 44 12.40 -0.14 -0.15
C ASN B 44 11.63 -0.66 1.06
N VAL B 45 11.95 -1.88 1.49
CA VAL B 45 11.27 -2.47 2.64
C VAL B 45 12.13 -2.38 3.89
N TRP B 46 13.45 -2.48 3.73
CA TRP B 46 14.38 -2.35 4.85
C TRP B 46 15.47 -1.38 4.44
N HIS B 47 15.90 -0.54 5.37
CA HIS B 47 16.98 0.37 5.07
C HIS B 47 18.22 -0.28 5.67
N ILE B 48 19.26 -0.42 4.87
CA ILE B 48 20.48 -1.06 5.35
C ILE B 48 21.69 -0.19 5.08
N SER B 49 22.73 -0.38 5.89
CA SER B 49 23.93 0.42 5.71
C SER B 49 25.14 -0.18 6.42
N LYS B 50 26.30 0.38 6.11
CA LYS B 50 27.56 0.00 6.72
C LYS B 50 27.88 -1.49 6.79
N GLY B 51 28.02 -2.12 5.62
CA GLY B 51 28.37 -3.52 5.56
C GLY B 51 27.30 -4.54 5.90
N PHE B 52 26.06 -4.10 6.07
CA PHE B 52 25.00 -5.05 6.38
C PHE B 52 24.78 -5.98 5.20
N CYS B 53 24.68 -7.27 5.47
CA CYS B 53 24.45 -8.27 4.44
C CYS B 53 23.06 -8.86 4.68
N VAL B 54 22.25 -8.97 3.64
CA VAL B 54 20.90 -9.48 3.80
C VAL B 54 20.34 -10.13 2.53
N GLY B 55 19.57 -11.20 2.74
CA GLY B 55 18.91 -11.92 1.67
C GLY B 55 17.44 -12.00 2.04
N LEU B 56 16.70 -12.89 1.39
CA LEU B 56 15.27 -13.05 1.68
C LEU B 56 14.80 -14.49 1.68
N ASP B 57 13.89 -14.80 2.59
CA ASP B 57 13.27 -16.12 2.66
C ASP B 57 11.79 -15.85 2.38
N GLY B 58 11.11 -16.81 1.74
CA GLY B 58 9.71 -16.65 1.45
C GLY B 58 8.96 -17.91 1.85
N LYS B 59 7.70 -17.74 2.25
CA LYS B 59 6.87 -18.87 2.66
C LYS B 59 5.43 -18.71 2.19
N VAL B 60 4.90 -19.77 1.59
CA VAL B 60 3.52 -19.76 1.11
C VAL B 60 2.70 -20.63 2.07
N ASP B 61 1.58 -20.08 2.55
CA ASP B 61 0.75 -20.82 3.48
C ASP B 61 -0.44 -21.50 2.83
N LEU B 62 -0.67 -21.23 1.55
CA LEU B 62 -1.78 -21.85 0.85
C LEU B 62 -1.52 -23.34 0.69
N PRO B 63 -2.59 -24.15 0.67
CA PRO B 63 -2.39 -25.59 0.51
C PRO B 63 -1.86 -25.92 -0.87
N VAL B 64 -1.01 -26.94 -0.97
CA VAL B 64 -0.49 -27.34 -2.26
C VAL B 64 -1.45 -28.36 -2.86
N VAL B 65 -1.88 -28.12 -4.10
CA VAL B 65 -2.84 -29.00 -4.75
C VAL B 65 -2.38 -29.60 -6.07
N GLY B 66 -1.10 -29.42 -6.39
CA GLY B 66 -0.56 -29.96 -7.63
C GLY B 66 0.71 -29.23 -8.02
N SER B 67 1.30 -29.60 -9.14
CA SER B 67 2.52 -28.94 -9.60
C SER B 67 2.56 -28.78 -11.10
N LEU B 68 3.45 -27.90 -11.53
CA LEU B 68 3.63 -27.62 -12.94
C LEU B 68 5.08 -27.20 -13.16
N ASP B 69 5.79 -28.00 -13.96
CA ASP B 69 7.18 -27.74 -14.30
C ASP B 69 8.13 -27.47 -13.14
N GLY B 70 7.92 -28.17 -12.03
CA GLY B 70 8.81 -28.00 -10.89
C GLY B 70 8.35 -27.08 -9.78
N GLN B 71 7.23 -26.40 -9.95
CA GLN B 71 6.74 -25.51 -8.90
C GLN B 71 5.32 -25.89 -8.49
N SER B 72 4.99 -25.65 -7.23
CA SER B 72 3.68 -25.98 -6.71
C SER B 72 2.57 -25.13 -7.29
N ILE B 73 1.38 -25.73 -7.34
CA ILE B 73 0.17 -25.03 -7.76
C ILE B 73 -0.54 -24.92 -6.41
N TYR B 74 -0.78 -23.70 -5.96
CA TYR B 74 -1.43 -23.48 -4.68
C TYR B 74 -2.93 -23.28 -4.85
N GLY B 75 -3.72 -23.91 -3.99
CA GLY B 75 -5.16 -23.81 -4.10
C GLY B 75 -5.83 -22.63 -3.41
N LEU B 76 -6.89 -22.12 -4.05
CA LEU B 76 -7.68 -21.00 -3.53
C LEU B 76 -9.10 -21.53 -3.32
N THR B 77 -9.64 -22.14 -4.37
CA THR B 77 -10.96 -22.75 -4.37
C THR B 77 -10.73 -24.03 -5.15
N GLU B 78 -11.68 -24.95 -5.13
CA GLU B 78 -11.48 -26.19 -5.88
C GLU B 78 -11.46 -25.92 -7.38
N GLU B 79 -11.73 -24.67 -7.76
CA GLU B 79 -11.74 -24.34 -9.18
C GLU B 79 -10.54 -23.50 -9.61
N VAL B 80 -10.05 -22.66 -8.69
CA VAL B 80 -8.93 -21.77 -8.99
C VAL B 80 -7.68 -22.02 -8.15
N GLY B 81 -6.54 -22.01 -8.80
CA GLY B 81 -5.26 -22.21 -8.13
C GLY B 81 -4.29 -21.09 -8.48
N LEU B 82 -3.07 -21.18 -7.99
CA LEU B 82 -2.08 -20.14 -8.27
C LEU B 82 -0.65 -20.67 -8.40
N LEU B 83 0.12 -20.00 -9.25
CA LEU B 83 1.53 -20.28 -9.43
C LEU B 83 2.11 -19.06 -8.71
N ILE B 84 3.08 -19.24 -7.83
CA ILE B 84 3.61 -18.10 -7.09
C ILE B 84 5.13 -17.93 -7.13
N TRP B 85 5.57 -16.68 -7.15
CA TRP B 85 6.97 -16.32 -7.17
C TRP B 85 7.25 -15.27 -6.10
N MET B 86 8.35 -15.44 -5.37
CA MET B 86 8.75 -14.47 -4.34
C MET B 86 10.25 -14.25 -4.53
N GLY B 87 10.72 -13.03 -4.23
CA GLY B 87 12.14 -12.77 -4.38
C GLY B 87 12.52 -11.31 -4.25
N ASP B 88 13.65 -10.95 -4.85
CA ASP B 88 14.16 -9.59 -4.80
C ASP B 88 13.20 -8.66 -5.55
N THR B 89 13.42 -7.35 -5.37
CA THR B 89 12.60 -6.31 -5.99
C THR B 89 12.10 -6.56 -7.43
N LYS B 90 13.03 -6.64 -8.38
CA LYS B 90 12.65 -6.84 -9.78
C LYS B 90 11.99 -8.19 -10.03
N TYR B 91 10.81 -8.13 -10.65
CA TYR B 91 10.03 -9.33 -10.93
C TYR B 91 10.77 -10.49 -11.60
N SER B 92 11.62 -10.19 -12.58
CA SER B 92 12.34 -11.25 -13.28
C SER B 92 13.24 -12.06 -12.35
N ARG B 93 13.45 -11.58 -11.14
CA ARG B 93 14.30 -12.30 -10.20
C ARG B 93 13.52 -13.12 -9.20
N GLY B 94 12.22 -13.25 -9.44
CA GLY B 94 11.38 -14.02 -8.54
C GLY B 94 11.77 -15.49 -8.53
N THR B 95 11.56 -16.12 -7.38
CA THR B 95 11.86 -17.53 -7.21
C THR B 95 10.54 -18.28 -7.20
N ALA B 96 10.40 -19.26 -8.08
CA ALA B 96 9.17 -20.06 -8.14
C ALA B 96 9.03 -20.81 -6.82
N MET B 97 7.85 -20.70 -6.20
CA MET B 97 7.64 -21.34 -4.91
C MET B 97 7.02 -22.74 -4.94
N SER B 98 7.51 -23.59 -4.03
CA SER B 98 7.00 -24.95 -3.86
C SER B 98 6.92 -25.21 -2.35
N GLY B 99 5.96 -26.02 -1.93
CA GLY B 99 5.84 -26.35 -0.52
C GLY B 99 5.37 -25.23 0.38
N ASN B 100 5.35 -25.51 1.68
CA ASN B 100 4.90 -24.54 2.67
C ASN B 100 5.95 -24.14 3.69
N SER B 101 7.21 -24.44 3.41
CA SER B 101 8.28 -24.10 4.33
C SER B 101 8.99 -22.82 3.88
N TRP B 102 9.82 -22.26 4.75
CA TRP B 102 10.57 -21.07 4.43
C TRP B 102 11.61 -21.47 3.39
N GLU B 103 11.65 -20.75 2.29
CA GLU B 103 12.61 -21.05 1.24
C GLU B 103 13.43 -19.81 0.90
N ASN B 104 14.69 -20.02 0.55
CA ASN B 104 15.60 -18.94 0.18
C ASN B 104 15.12 -18.41 -1.17
N VAL B 105 14.64 -17.17 -1.21
CA VAL B 105 14.15 -16.61 -2.48
C VAL B 105 15.03 -15.52 -3.08
N PHE B 106 16.12 -15.21 -2.39
CA PHE B 106 17.09 -14.22 -2.84
C PHE B 106 18.37 -14.46 -2.05
N SER B 107 19.39 -14.95 -2.73
CA SER B 107 20.67 -15.26 -2.11
C SER B 107 21.24 -14.10 -1.30
N GLY B 108 20.90 -12.88 -1.69
CA GLY B 108 21.36 -11.71 -0.93
C GLY B 108 22.53 -10.91 -1.45
N TRP B 109 22.80 -9.80 -0.77
CA TRP B 109 23.90 -8.91 -1.09
C TRP B 109 24.30 -8.12 0.15
N CYS B 110 25.43 -7.44 0.06
CA CYS B 110 25.91 -6.64 1.18
C CYS B 110 26.09 -5.20 0.72
N VAL B 111 25.56 -4.27 1.51
CA VAL B 111 25.69 -2.87 1.18
C VAL B 111 27.11 -2.42 1.54
N GLY B 112 27.57 -1.32 0.93
CA GLY B 112 28.90 -0.82 1.20
C GLY B 112 29.22 -0.53 2.65
N ALA B 113 30.50 -0.65 3.01
CA ALA B 113 30.95 -0.40 4.38
C ALA B 113 30.67 1.05 4.80
N ASN B 114 30.64 1.96 3.84
CA ASN B 114 30.37 3.36 4.15
C ASN B 114 29.21 3.96 3.38
N THR B 115 28.25 3.13 3.01
CA THR B 115 27.11 3.65 2.27
C THR B 115 25.79 3.11 2.79
N ALA B 116 24.70 3.72 2.34
CA ALA B 116 23.36 3.30 2.76
C ALA B 116 22.53 3.01 1.52
N SER B 117 21.65 2.01 1.64
CA SER B 117 20.78 1.64 0.54
C SER B 117 19.55 0.98 1.13
N THR B 118 18.87 0.19 0.32
CA THR B 118 17.67 -0.49 0.78
C THR B 118 17.59 -1.90 0.24
N GLN B 119 16.73 -2.69 0.86
CA GLN B 119 16.47 -4.06 0.44
C GLN B 119 14.98 -4.10 0.17
N GLY B 120 14.61 -4.58 -1.02
CA GLY B 120 13.21 -4.66 -1.40
C GLY B 120 12.78 -6.10 -1.62
N LEU B 121 11.62 -6.27 -2.24
CA LEU B 121 11.08 -7.59 -2.51
C LEU B 121 9.95 -7.51 -3.52
N SER B 122 9.48 -8.66 -3.96
CA SER B 122 8.37 -8.71 -4.90
C SER B 122 7.68 -10.06 -4.78
N VAL B 123 6.37 -10.03 -5.01
CA VAL B 123 5.54 -11.22 -4.97
C VAL B 123 4.71 -11.17 -6.24
N ARG B 124 4.61 -12.29 -6.93
CA ARG B 124 3.86 -12.34 -8.18
C ARG B 124 3.13 -13.67 -8.27
N VAL B 125 1.90 -13.64 -8.79
CA VAL B 125 1.14 -14.87 -8.95
C VAL B 125 0.40 -14.86 -10.28
N THR B 126 0.09 -16.04 -10.78
CA THR B 126 -0.64 -16.18 -12.02
C THR B 126 -1.76 -17.19 -11.75
N PRO B 127 -3.00 -16.79 -12.03
CA PRO B 127 -4.17 -17.64 -11.81
C PRO B 127 -4.14 -18.92 -12.65
N VAL B 128 -4.65 -20.01 -12.10
CA VAL B 128 -4.71 -21.28 -12.79
C VAL B 128 -6.10 -21.88 -12.63
N ILE B 129 -6.72 -22.28 -13.74
CA ILE B 129 -8.03 -22.89 -13.67
C ILE B 129 -7.84 -24.39 -13.44
N LEU B 130 -8.24 -24.86 -12.27
CA LEU B 130 -8.11 -26.27 -11.90
C LEU B 130 -9.28 -27.08 -12.45
N LYS B 131 -10.48 -26.58 -12.19
CA LYS B 131 -11.75 -27.18 -12.63
C LYS B 131 -12.56 -26.01 -13.20
N ARG B 132 -13.59 -26.31 -13.99
CA ARG B 132 -14.42 -25.25 -14.55
C ARG B 132 -15.89 -25.44 -14.15
N ASN B 133 -16.70 -24.41 -14.35
CA ASN B 133 -18.12 -24.46 -14.01
C ASN B 133 -18.99 -24.38 -15.26
N ALA B 136 -19.70 -19.40 -15.62
CA ALA B 136 -18.77 -19.00 -16.67
C ALA B 136 -17.55 -18.28 -16.09
N ARG B 137 -17.78 -17.48 -15.06
CA ARG B 137 -16.70 -16.74 -14.40
C ARG B 137 -16.27 -17.42 -13.12
N TYR B 138 -15.12 -17.01 -12.61
CA TYR B 138 -14.57 -17.56 -11.38
C TYR B 138 -14.16 -16.39 -10.50
N SER B 139 -14.70 -16.34 -9.29
CA SER B 139 -14.37 -15.26 -8.39
C SER B 139 -13.54 -15.77 -7.22
N VAL B 140 -12.66 -14.91 -6.72
CA VAL B 140 -11.80 -15.25 -5.59
C VAL B 140 -11.85 -14.12 -4.57
N GLN B 141 -12.06 -14.48 -3.32
CA GLN B 141 -12.13 -13.50 -2.25
C GLN B 141 -10.74 -13.23 -1.70
N LYS B 142 -10.63 -12.12 -0.97
CA LYS B 142 -9.37 -11.73 -0.35
C LYS B 142 -8.83 -12.94 0.42
N THR B 143 -7.60 -13.34 0.13
CA THR B 143 -7.01 -14.51 0.77
C THR B 143 -5.55 -14.30 1.17
N SER B 144 -5.18 -14.88 2.31
CA SER B 144 -3.82 -14.78 2.81
C SER B 144 -2.93 -15.66 1.94
N ILE B 145 -1.80 -15.11 1.49
CA ILE B 145 -0.89 -15.85 0.64
C ILE B 145 0.26 -16.45 1.42
N GLY B 146 1.01 -15.57 2.10
CA GLY B 146 2.14 -16.02 2.86
C GLY B 146 2.97 -14.85 3.35
N SER B 147 4.28 -15.05 3.47
CA SER B 147 5.14 -14.01 3.98
C SER B 147 6.56 -14.06 3.40
N ILE B 148 7.31 -13.02 3.70
CA ILE B 148 8.70 -12.91 3.29
C ILE B 148 9.44 -12.29 4.47
N ARG B 149 10.62 -12.83 4.78
CA ARG B 149 11.41 -12.30 5.88
C ARG B 149 12.83 -12.03 5.41
N MET B 150 13.41 -10.95 5.91
CA MET B 150 14.78 -10.63 5.56
C MET B 150 15.64 -11.69 6.23
N ARG B 151 16.76 -12.03 5.59
CA ARG B 151 17.67 -13.01 6.15
C ARG B 151 19.08 -12.42 6.19
N PRO B 152 19.46 -11.84 7.34
CA PRO B 152 20.80 -11.26 7.47
C PRO B 152 21.84 -12.37 7.43
N TYR B 153 23.05 -12.05 7.00
CA TYR B 153 24.11 -13.06 7.00
C TYR B 153 25.47 -12.42 7.21
N ASN B 154 26.52 -13.23 7.14
CA ASN B 154 27.87 -12.75 7.33
C ASN B 154 28.05 -12.08 8.69
N GLY B 155 27.25 -12.51 9.66
CA GLY B 155 27.36 -11.95 11.00
C GLY B 155 26.46 -10.76 11.27
N SER B 156 25.76 -10.28 10.25
CA SER B 156 24.85 -9.15 10.45
C SER B 156 23.73 -9.62 11.36
N SER B 157 23.13 -8.69 12.08
CA SER B 157 22.05 -9.02 12.99
C SER B 157 20.85 -8.12 12.82
N ALA B 158 19.66 -8.72 12.88
CA ALA B 158 18.42 -7.97 12.74
C ALA B 158 18.06 -7.27 14.04
N GLY B 159 18.76 -7.59 15.12
CA GLY B 159 18.46 -6.97 16.41
C GLY B 159 16.98 -7.15 16.69
N SER B 160 16.28 -6.07 17.02
CA SER B 160 14.85 -6.17 17.29
C SER B 160 14.04 -5.59 16.14
N VAL B 161 14.68 -5.39 14.99
CA VAL B 161 13.99 -4.84 13.83
C VAL B 161 13.01 -5.86 13.24
N GLN B 162 11.88 -5.37 12.73
CA GLN B 162 10.88 -6.25 12.14
C GLN B 162 11.47 -6.96 10.93
N THR B 163 11.43 -8.28 10.93
CA THR B 163 12.00 -9.05 9.83
C THR B 163 10.99 -9.57 8.82
N THR B 164 9.72 -9.65 9.21
CA THR B 164 8.71 -10.23 8.34
C THR B 164 7.55 -9.33 7.88
N VAL B 165 7.13 -9.53 6.64
CA VAL B 165 5.98 -8.79 6.10
C VAL B 165 5.07 -9.85 5.50
N ASN B 166 3.77 -9.58 5.53
CA ASN B 166 2.78 -10.53 5.02
C ASN B 166 2.10 -10.06 3.74
N PHE B 167 1.56 -11.02 3.01
CA PHE B 167 0.90 -10.73 1.75
C PHE B 167 -0.49 -11.35 1.66
N SER B 168 -1.43 -10.57 1.13
CA SER B 168 -2.80 -11.02 0.93
C SER B 168 -3.16 -10.81 -0.52
N LEU B 169 -3.84 -11.78 -1.11
CA LEU B 169 -4.28 -11.71 -2.50
C LEU B 169 -5.58 -10.93 -2.55
N ASN B 170 -5.60 -9.80 -3.24
CA ASN B 170 -6.83 -9.02 -3.34
C ASN B 170 -7.84 -9.82 -4.17
N PRO B 171 -9.14 -9.61 -3.93
CA PRO B 171 -10.15 -10.35 -4.70
C PRO B 171 -10.06 -10.05 -6.20
N PHE B 172 -10.34 -11.06 -7.01
CA PHE B 172 -10.30 -10.89 -8.46
C PHE B 172 -11.28 -11.83 -9.15
N THR B 173 -11.50 -11.58 -10.44
CA THR B 173 -12.41 -12.40 -11.21
C THR B 173 -11.73 -12.88 -12.48
N LEU B 174 -11.97 -14.14 -12.82
CA LEU B 174 -11.41 -14.71 -14.02
C LEU B 174 -12.55 -14.96 -14.98
N ASN B 175 -12.40 -14.49 -16.22
CA ASN B 175 -13.42 -14.67 -17.25
C ASN B 175 -12.87 -15.71 -18.22
N ASP B 176 -13.71 -16.64 -18.64
CA ASP B 176 -13.26 -17.67 -19.58
C ASP B 176 -12.97 -17.10 -20.96
#